data_3VVW
#
_entry.id   3VVW
#
_cell.length_a   195.720
_cell.length_b   37.420
_cell.length_c   40.280
_cell.angle_alpha   90.000
_cell.angle_beta   94.660
_cell.angle_gamma   90.000
#
_symmetry.space_group_name_H-M   'C 1 2 1'
#
loop_
_entity.id
_entity.type
_entity.pdbx_description
1 polymer 'Calcium-binding and coiled-coil domain-containing protein 2'
2 polymer 'Microtubule-associated proteins 1A/1B light chain 3C'
3 water water
#
loop_
_entity_poly.entity_id
_entity_poly.type
_entity_poly.pdbx_seq_one_letter_code
_entity_poly.pdbx_strand_id
1 'polypeptide(L)'
;GPSQVIFNSVEKFYIPGGDVTCHYTFTQHFIPRRKDWIGIFRVGWKTTREYYTFMWVTLPIDLNNKSAKQQEVQFKAYYL
PKDDEYYQFCYVDEDGVVRGASIPFQFRPENEEDILVVTTQGE
;
A
2 'polypeptide(L)'
;GPMPPPQKIPSVRPFKQRKSLAIRQEEVAGIRAKFPNKIPVVVERYPRETFLPPLDKTKFLVPQELTMTQFLSIIRSRMV
LRATEAFYLLVNNKSLVSMSATMAEIYRDYKDEDGFVYMTYASQETFG
;
B
#
# COMPACT_ATOMS: atom_id res chain seq x y z
N SER A 3 24.96 -8.94 -13.48
CA SER A 3 26.04 -8.86 -14.45
C SER A 3 25.65 -9.39 -15.83
N GLN A 4 25.66 -10.70 -16.00
CA GLN A 4 25.38 -11.33 -17.29
C GLN A 4 23.88 -11.43 -17.60
N VAL A 5 23.06 -11.63 -16.58
CA VAL A 5 21.61 -11.57 -16.76
C VAL A 5 21.04 -10.31 -16.07
N ILE A 6 20.11 -9.65 -16.76
CA ILE A 6 19.58 -8.38 -16.28
C ILE A 6 18.04 -8.38 -16.27
N PHE A 7 17.46 -7.96 -15.15
CA PHE A 7 16.00 -7.93 -15.06
C PHE A 7 15.48 -6.55 -15.47
N ASN A 8 14.40 -6.53 -16.25
CA ASN A 8 13.81 -5.28 -16.71
C ASN A 8 12.36 -5.15 -16.25
N SER A 9 11.91 -3.91 -16.14
CA SER A 9 10.52 -3.61 -15.80
C SER A 9 10.10 -4.27 -14.49
N VAL A 10 11.04 -4.43 -13.56
CA VAL A 10 10.72 -4.97 -12.24
C VAL A 10 9.96 -3.91 -11.42
N GLU A 11 8.80 -4.28 -10.90
CA GLU A 11 8.00 -3.41 -10.03
C GLU A 11 8.53 -3.42 -8.60
N LYS A 12 8.38 -2.30 -7.90
CA LYS A 12 8.63 -2.26 -6.45
C LYS A 12 7.51 -2.96 -5.69
N PHE A 13 6.35 -3.07 -6.35
CA PHE A 13 5.16 -3.65 -5.73
C PHE A 13 4.43 -4.65 -6.64
N TYR A 14 4.09 -5.80 -6.06
CA TYR A 14 3.28 -6.81 -6.76
C TYR A 14 2.01 -7.16 -5.97
N ILE A 15 0.83 -6.95 -6.55
CA ILE A 15 -0.44 -7.24 -5.89
C ILE A 15 -0.56 -8.73 -5.53
N PRO A 16 -0.92 -9.03 -4.27
CA PRO A 16 -1.16 -10.41 -3.83
C PRO A 16 -2.35 -11.03 -4.56
N GLY A 17 -2.16 -12.25 -5.08
CA GLY A 17 -3.22 -12.92 -5.81
C GLY A 17 -3.10 -12.78 -7.32
N GLY A 18 -2.21 -11.90 -7.77
CA GLY A 18 -1.86 -11.84 -9.18
C GLY A 18 -0.60 -12.61 -9.56
N ASP A 19 -0.57 -13.14 -10.77
CA ASP A 19 0.60 -13.81 -11.33
C ASP A 19 1.65 -12.77 -11.67
N VAL A 20 2.92 -13.13 -11.47
CA VAL A 20 4.01 -12.18 -11.66
C VAL A 20 4.84 -12.48 -12.91
N THR A 21 4.86 -11.56 -13.85
CA THR A 21 5.68 -11.74 -15.04
C THR A 21 7.05 -11.11 -14.82
N CYS A 22 8.07 -11.96 -14.89
CA CYS A 22 9.44 -11.56 -14.69
C CYS A 22 10.12 -11.38 -16.03
N HIS A 23 10.64 -10.19 -16.28
CA HIS A 23 11.30 -9.87 -17.55
C HIS A 23 12.81 -9.83 -17.39
N TYR A 24 13.51 -10.51 -18.29
CA TYR A 24 14.98 -10.56 -18.24
C TYR A 24 15.62 -10.69 -19.62
N THR A 25 16.83 -10.18 -19.72
CA THR A 25 17.58 -10.17 -20.96
C THR A 25 19.00 -10.65 -20.66
N PHE A 26 19.53 -11.47 -21.56
CA PHE A 26 20.90 -11.96 -21.48
C PHE A 26 21.84 -10.92 -22.08
N THR A 27 22.98 -10.70 -21.44
CA THR A 27 23.99 -9.79 -22.00
C THR A 27 24.72 -10.46 -23.18
N GLN A 28 25.37 -9.67 -24.03
CA GLN A 28 25.92 -10.14 -25.30
C GLN A 28 26.75 -11.44 -25.27
N HIS A 29 27.61 -11.59 -24.26
CA HIS A 29 28.46 -12.77 -24.15
C HIS A 29 27.93 -13.87 -23.22
N PHE A 30 26.73 -13.69 -22.68
CA PHE A 30 26.19 -14.71 -21.77
C PHE A 30 25.54 -15.88 -22.52
N ILE A 31 25.87 -17.10 -22.09
CA ILE A 31 25.29 -18.31 -22.68
C ILE A 31 24.38 -19.02 -21.69
N PRO A 32 23.06 -18.97 -21.93
CA PRO A 32 22.17 -19.63 -20.98
C PRO A 32 22.20 -21.16 -21.14
N ARG A 33 21.99 -21.88 -20.03
CA ARG A 33 21.89 -23.34 -20.04
C ARG A 33 20.53 -23.77 -19.48
N ARG A 34 20.14 -25.00 -19.76
CA ARG A 34 18.76 -25.41 -19.60
C ARG A 34 18.34 -25.78 -18.18
N LYS A 35 19.32 -26.00 -17.31
CA LYS A 35 19.03 -26.19 -15.89
C LYS A 35 19.18 -24.86 -15.15
N ASP A 36 19.46 -23.78 -15.91
CA ASP A 36 19.45 -22.44 -15.34
C ASP A 36 18.06 -22.10 -14.82
N TRP A 37 17.99 -21.28 -13.77
CA TRP A 37 16.70 -20.93 -13.20
C TRP A 37 16.64 -19.56 -12.56
N ILE A 38 15.41 -19.09 -12.39
CA ILE A 38 15.14 -17.79 -11.78
C ILE A 38 14.36 -18.06 -10.52
N GLY A 39 14.78 -17.47 -9.41
CA GLY A 39 14.09 -17.78 -8.18
C GLY A 39 13.88 -16.49 -7.43
N ILE A 40 12.94 -16.53 -6.49
CA ILE A 40 12.57 -15.35 -5.75
C ILE A 40 13.13 -15.52 -4.37
N PHE A 41 13.97 -14.58 -3.97
CA PHE A 41 14.71 -14.72 -2.73
C PHE A 41 14.36 -13.59 -1.78
N ARG A 42 14.22 -13.92 -0.50
CA ARG A 42 14.19 -12.89 0.53
C ARG A 42 15.49 -12.11 0.32
N VAL A 43 15.43 -10.79 0.44
CA VAL A 43 16.65 -10.00 0.40
C VAL A 43 17.46 -10.33 1.64
N GLY A 44 18.75 -10.58 1.44
CA GLY A 44 19.60 -11.11 2.50
C GLY A 44 19.71 -12.63 2.47
N TRP A 45 19.27 -13.26 1.38
CA TRP A 45 19.52 -14.69 1.18
C TRP A 45 21.04 -14.95 1.28
N LYS A 46 21.41 -15.99 2.03
CA LYS A 46 22.81 -16.40 2.13
C LYS A 46 23.26 -17.30 0.99
N THR A 47 22.44 -18.29 0.64
CA THR A 47 22.76 -19.23 -0.41
C THR A 47 21.61 -19.34 -1.44
N THR A 48 21.89 -19.97 -2.58
CA THR A 48 20.87 -20.12 -3.64
C THR A 48 19.86 -21.20 -3.29
N ARG A 49 20.12 -21.92 -2.20
CA ARG A 49 19.25 -23.02 -1.76
C ARG A 49 18.12 -22.45 -0.90
N GLU A 50 18.18 -21.13 -0.70
CA GLU A 50 17.21 -20.41 0.13
C GLU A 50 16.04 -19.80 -0.67
N TYR A 51 15.93 -20.13 -1.95
CA TYR A 51 14.87 -19.60 -2.80
C TYR A 51 13.49 -19.84 -2.17
N TYR A 52 12.64 -18.81 -2.20
CA TYR A 52 11.24 -18.98 -1.79
C TYR A 52 10.48 -19.80 -2.83
N THR A 53 10.51 -19.36 -4.08
CA THR A 53 9.89 -20.08 -5.17
C THR A 53 10.84 -19.96 -6.39
N PHE A 54 10.62 -20.77 -7.43
CA PHE A 54 11.51 -20.74 -8.61
C PHE A 54 10.77 -21.06 -9.92
N MET A 55 11.38 -20.74 -11.04
CA MET A 55 10.93 -21.17 -12.36
C MET A 55 12.19 -21.57 -13.11
N TRP A 56 12.12 -22.57 -14.00
CA TRP A 56 13.25 -22.85 -14.88
C TRP A 56 13.30 -21.72 -15.91
N VAL A 57 14.51 -21.38 -16.38
CA VAL A 57 14.66 -20.39 -17.44
C VAL A 57 13.71 -20.81 -18.54
N THR A 58 12.97 -19.88 -19.14
CA THR A 58 11.99 -20.36 -20.12
C THR A 58 12.65 -20.85 -21.43
N LEU A 59 12.05 -21.90 -21.98
CA LEU A 59 12.48 -22.49 -23.24
C LEU A 59 11.25 -22.60 -24.15
N PRO A 60 11.48 -22.72 -25.48
CA PRO A 60 12.79 -22.68 -26.13
C PRO A 60 13.36 -21.26 -26.20
N ILE A 61 14.65 -21.17 -26.53
CA ILE A 61 15.33 -19.88 -26.65
C ILE A 61 15.79 -19.63 -28.09
N ASP A 62 15.37 -18.50 -28.65
CA ASP A 62 15.60 -18.21 -30.07
C ASP A 62 17.06 -17.89 -30.41
N GLN A 70 15.35 -10.96 -25.10
CA GLN A 70 14.30 -10.26 -24.35
C GLN A 70 13.23 -11.24 -23.81
N GLN A 71 13.49 -11.81 -22.62
CA GLN A 71 12.79 -13.00 -22.11
C GLN A 71 11.82 -12.74 -20.97
N GLU A 72 10.82 -13.61 -20.82
CA GLU A 72 9.99 -13.57 -19.62
C GLU A 72 9.63 -14.94 -19.06
N VAL A 73 9.39 -14.99 -17.75
CA VAL A 73 8.93 -16.19 -17.07
C VAL A 73 7.79 -15.81 -16.12
N GLN A 74 6.76 -16.64 -16.04
CA GLN A 74 5.63 -16.31 -15.16
C GLN A 74 5.59 -17.12 -13.86
N PHE A 75 5.34 -16.42 -12.74
CA PHE A 75 5.20 -17.01 -11.42
C PHE A 75 3.72 -17.02 -11.00
N LYS A 76 3.15 -18.20 -10.75
CA LYS A 76 1.73 -18.29 -10.39
C LYS A 76 1.46 -17.73 -8.97
N ALA A 77 0.35 -17.02 -8.82
CA ALA A 77 0.05 -16.26 -7.59
C ALA A 77 0.11 -17.08 -6.31
N TYR A 78 -0.26 -18.36 -6.39
CA TYR A 78 -0.34 -19.25 -5.23
C TYR A 78 0.98 -19.46 -4.52
N TYR A 79 2.07 -19.45 -5.29
CA TYR A 79 3.38 -19.80 -4.78
C TYR A 79 4.18 -18.59 -4.35
N LEU A 80 3.59 -17.40 -4.51
CA LEU A 80 4.26 -16.14 -4.13
C LEU A 80 4.20 -15.88 -2.62
N PRO A 81 5.20 -15.16 -2.09
CA PRO A 81 5.30 -14.83 -0.67
C PRO A 81 4.07 -14.10 -0.15
N LYS A 82 3.60 -14.50 1.02
CA LYS A 82 2.45 -13.88 1.69
C LYS A 82 2.79 -12.63 2.51
N ASP A 83 4.00 -12.60 3.09
CA ASP A 83 4.38 -11.57 4.06
C ASP A 83 4.73 -10.22 3.42
N ASP A 84 5.19 -9.30 4.27
CA ASP A 84 5.56 -7.93 3.89
C ASP A 84 7.06 -7.72 3.65
N GLU A 85 7.81 -8.81 3.68
CA GLU A 85 9.26 -8.78 3.51
C GLU A 85 9.71 -8.37 2.10
N TYR A 86 10.96 -7.93 1.97
CA TYR A 86 11.53 -7.61 0.66
C TYR A 86 12.07 -8.86 -0.06
N TYR A 87 11.76 -8.97 -1.35
CA TYR A 87 12.26 -10.05 -2.17
C TYR A 87 12.91 -9.50 -3.43
N GLN A 88 13.64 -10.35 -4.13
CA GLN A 88 14.21 -9.97 -5.41
C GLN A 88 14.28 -11.20 -6.29
N PHE A 89 14.42 -10.99 -7.59
CA PHE A 89 14.67 -12.07 -8.51
C PHE A 89 16.17 -12.31 -8.54
N CYS A 90 16.58 -13.58 -8.59
CA CYS A 90 17.96 -13.94 -8.88
C CYS A 90 18.03 -15.02 -9.98
N TYR A 91 18.97 -14.84 -10.90
CA TYR A 91 19.26 -15.83 -11.93
C TYR A 91 20.45 -16.69 -11.47
N VAL A 92 20.20 -18.00 -11.39
CA VAL A 92 21.19 -18.97 -10.95
C VAL A 92 21.46 -19.93 -12.11
N ASP A 93 22.72 -20.07 -12.50
CA ASP A 93 23.05 -20.99 -13.61
C ASP A 93 23.30 -22.40 -13.10
N GLU A 94 23.60 -23.31 -14.03
CA GLU A 94 23.84 -24.72 -13.72
C GLU A 94 24.96 -25.00 -12.72
N ASP A 95 25.91 -24.06 -12.61
CA ASP A 95 27.02 -24.20 -11.66
C ASP A 95 26.71 -23.67 -10.28
N GLY A 96 25.52 -23.09 -10.12
CA GLY A 96 25.09 -22.51 -8.86
C GLY A 96 25.44 -21.04 -8.73
N VAL A 97 25.84 -20.43 -9.84
CA VAL A 97 26.34 -19.05 -9.86
C VAL A 97 25.23 -18.06 -10.21
N VAL A 98 25.03 -17.06 -9.35
CA VAL A 98 24.04 -16.00 -9.60
C VAL A 98 24.59 -15.08 -10.70
N ARG A 99 23.85 -14.97 -11.80
CA ARG A 99 24.28 -14.15 -12.95
C ARG A 99 23.60 -12.81 -13.02
N GLY A 100 22.60 -12.60 -12.18
CA GLY A 100 21.88 -11.34 -12.17
C GLY A 100 20.94 -11.32 -11.00
N ALA A 101 20.65 -10.12 -10.50
CA ALA A 101 19.71 -9.94 -9.39
C ALA A 101 18.95 -8.63 -9.56
N SER A 102 17.64 -8.69 -9.39
CA SER A 102 16.77 -7.51 -9.55
C SER A 102 16.80 -6.53 -8.36
N ILE A 103 16.31 -5.32 -8.59
CA ILE A 103 15.95 -4.45 -7.49
C ILE A 103 14.95 -5.21 -6.59
N PRO A 104 14.86 -4.82 -5.30
CA PRO A 104 13.94 -5.43 -4.33
C PRO A 104 12.47 -4.98 -4.51
N PHE A 105 11.55 -5.75 -3.94
CA PHE A 105 10.13 -5.50 -4.07
C PHE A 105 9.34 -6.16 -2.94
N GLN A 106 8.08 -5.78 -2.80
CA GLN A 106 7.20 -6.37 -1.81
C GLN A 106 5.91 -6.86 -2.48
N PHE A 107 5.31 -7.91 -1.92
CA PHE A 107 4.07 -8.40 -2.49
C PHE A 107 2.95 -7.82 -1.64
N ARG A 108 2.32 -6.79 -2.21
CA ARG A 108 1.51 -5.85 -1.46
C ARG A 108 1.12 -4.73 -2.40
N PRO A 109 -0.13 -4.26 -2.28
CA PRO A 109 -0.54 -3.06 -3.03
C PRO A 109 0.37 -1.90 -2.64
N GLU A 110 0.67 -0.99 -3.57
CA GLU A 110 1.40 0.22 -3.18
C GLU A 110 0.55 1.04 -2.20
N ASN A 111 -0.73 1.17 -2.52
CA ASN A 111 -1.72 1.82 -1.66
C ASN A 111 -2.61 0.79 -0.97
N GLU A 112 -2.54 0.69 0.37
CA GLU A 112 -3.45 -0.20 1.08
C GLU A 112 -4.89 0.18 0.69
N GLU A 113 -5.79 -0.80 0.63
CA GLU A 113 -7.13 -0.58 0.06
C GLU A 113 -8.07 0.30 0.90
N ASP A 114 -7.74 0.50 2.18
CA ASP A 114 -8.60 1.32 3.02
C ASP A 114 -8.30 2.81 2.75
N ILE A 115 -7.35 3.07 1.85
CA ILE A 115 -6.95 4.44 1.48
C ILE A 115 -7.73 5.00 0.28
N LEU A 116 -8.29 6.20 0.44
CA LEU A 116 -9.00 6.88 -0.63
C LEU A 116 -8.37 8.23 -0.96
N VAL A 117 -7.78 8.33 -2.16
CA VAL A 117 -7.21 9.58 -2.66
C VAL A 117 -8.28 10.50 -3.25
N VAL A 118 -8.35 11.72 -2.72
CA VAL A 118 -9.29 12.74 -3.19
C VAL A 118 -8.56 13.78 -4.04
N THR A 119 -9.09 14.03 -5.24
CA THR A 119 -8.48 15.00 -6.15
C THR A 119 -9.28 16.30 -6.26
N PHE B 15 -7.56 4.89 15.33
CA PHE B 15 -7.08 3.52 15.49
C PHE B 15 -5.73 3.44 16.23
N LYS B 16 -5.56 4.32 17.23
CA LYS B 16 -4.33 4.32 18.02
C LYS B 16 -4.09 2.98 18.74
N GLN B 17 -5.17 2.21 18.90
CA GLN B 17 -5.13 0.93 19.64
C GLN B 17 -4.57 -0.23 18.82
N ARG B 18 -4.83 -0.22 17.52
CA ARG B 18 -4.37 -1.28 16.62
C ARG B 18 -2.91 -1.10 16.21
N LYS B 19 -2.52 0.15 15.92
CA LYS B 19 -1.18 0.45 15.41
C LYS B 19 -0.34 1.24 16.43
N SER B 20 0.96 0.96 16.47
CA SER B 20 1.88 1.67 17.35
C SER B 20 2.11 3.08 16.86
N LEU B 21 2.55 3.97 17.74
CA LEU B 21 2.87 5.34 17.32
C LEU B 21 3.87 5.37 16.16
N ALA B 22 4.92 4.56 16.25
CA ALA B 22 5.96 4.54 15.20
C ALA B 22 5.42 3.99 13.87
N ILE B 23 4.54 3.00 13.95
CA ILE B 23 3.96 2.42 12.73
C ILE B 23 3.06 3.43 12.03
N ARG B 24 2.32 4.21 12.82
CA ARG B 24 1.46 5.27 12.30
C ARG B 24 2.30 6.40 11.70
N GLN B 25 3.36 6.77 12.40
CA GLN B 25 4.29 7.78 11.89
C GLN B 25 4.92 7.34 10.58
N GLU B 26 5.18 6.03 10.47
CA GLU B 26 5.74 5.47 9.24
C GLU B 26 4.70 5.49 8.11
N GLU B 27 3.44 5.18 8.43
CA GLU B 27 2.37 5.22 7.43
C GLU B 27 2.20 6.63 6.87
N VAL B 28 2.22 7.60 7.78
CA VAL B 28 2.18 9.00 7.39
C VAL B 28 3.40 9.35 6.52
N ALA B 29 4.58 8.91 6.92
CA ALA B 29 5.77 9.13 6.10
C ALA B 29 5.56 8.61 4.66
N GLY B 30 5.12 7.36 4.52
CA GLY B 30 4.93 6.75 3.20
C GLY B 30 3.88 7.47 2.37
N ILE B 31 2.75 7.76 3.03
CA ILE B 31 1.65 8.50 2.41
C ILE B 31 2.12 9.86 1.89
N ARG B 32 2.86 10.58 2.72
CA ARG B 32 3.37 11.91 2.41
C ARG B 32 4.43 11.83 1.31
N ALA B 33 5.16 10.73 1.24
CA ALA B 33 6.14 10.54 0.18
C ALA B 33 5.46 10.33 -1.17
N LYS B 34 4.36 9.56 -1.20
CA LYS B 34 3.62 9.38 -2.44
C LYS B 34 2.70 10.59 -2.75
N PHE B 35 2.15 11.19 -1.71
CA PHE B 35 1.24 12.33 -1.87
C PHE B 35 1.57 13.45 -0.88
N PRO B 36 2.67 14.19 -1.12
CA PRO B 36 3.20 15.20 -0.19
C PRO B 36 2.29 16.42 -0.02
N ASN B 37 1.37 16.62 -0.97
CA ASN B 37 0.41 17.74 -0.96
C ASN B 37 -0.94 17.46 -0.24
N LYS B 38 -1.23 16.18 -0.01
CA LYS B 38 -2.48 15.74 0.63
C LYS B 38 -2.40 15.83 2.15
N ILE B 39 -3.56 15.91 2.82
CA ILE B 39 -3.63 15.69 4.27
C ILE B 39 -4.22 14.30 4.56
N PRO B 40 -3.46 13.45 5.27
CA PRO B 40 -3.96 12.13 5.63
C PRO B 40 -4.96 12.17 6.80
N VAL B 41 -6.15 11.62 6.61
CA VAL B 41 -7.22 11.73 7.59
C VAL B 41 -7.79 10.36 7.96
N VAL B 42 -7.73 10.00 9.23
CA VAL B 42 -8.34 8.75 9.67
C VAL B 42 -9.80 9.02 10.05
N VAL B 43 -10.72 8.39 9.33
CA VAL B 43 -12.13 8.62 9.58
C VAL B 43 -12.79 7.39 10.16
N GLU B 44 -13.47 7.56 11.30
CA GLU B 44 -14.04 6.45 12.03
C GLU B 44 -15.48 6.67 12.44
N ARG B 45 -16.27 5.60 12.34
CA ARG B 45 -17.67 5.61 12.74
C ARG B 45 -17.72 5.67 14.26
N TYR B 46 -18.48 6.62 14.81
CA TYR B 46 -18.65 6.72 16.25
C TYR B 46 -19.04 5.31 16.75
N PRO B 47 -18.26 4.79 17.70
CA PRO B 47 -18.44 3.38 18.13
C PRO B 47 -19.83 3.07 18.65
N ARG B 48 -20.54 4.05 19.20
CA ARG B 48 -21.89 3.81 19.70
C ARG B 48 -22.97 4.18 18.70
N GLU B 49 -22.57 4.57 17.49
CA GLU B 49 -23.53 4.81 16.41
C GLU B 49 -24.40 3.57 16.18
N THR B 50 -25.73 3.73 16.28
CA THR B 50 -26.65 2.67 15.86
C THR B 50 -27.33 2.88 14.50
N PHE B 51 -27.13 4.05 13.89
CA PHE B 51 -27.94 4.43 12.73
C PHE B 51 -27.19 4.46 11.40
N LEU B 52 -26.19 5.32 11.32
CA LEU B 52 -25.37 5.46 10.11
C LEU B 52 -24.51 4.23 9.81
N PRO B 53 -24.39 3.86 8.53
CA PRO B 53 -23.60 2.69 8.09
C PRO B 53 -22.09 2.97 8.12
N PRO B 54 -21.27 1.90 8.09
CA PRO B 54 -19.81 2.01 8.10
C PRO B 54 -19.24 2.45 6.73
N LEU B 55 -17.98 2.85 6.72
CA LEU B 55 -17.28 3.16 5.47
C LEU B 55 -16.67 1.93 4.76
N ASP B 56 -16.45 2.07 3.45
CA ASP B 56 -15.57 1.13 2.73
C ASP B 56 -14.11 1.68 2.73
N LYS B 57 -13.92 2.83 3.38
CA LYS B 57 -12.62 3.48 3.47
C LYS B 57 -12.33 3.93 4.90
N THR B 58 -11.04 4.01 5.22
CA THR B 58 -10.59 4.41 6.54
C THR B 58 -9.70 5.65 6.45
N LYS B 59 -8.61 5.54 5.68
CA LYS B 59 -7.73 6.70 5.44
C LYS B 59 -8.09 7.50 4.18
N PHE B 60 -8.38 8.79 4.37
CA PHE B 60 -8.73 9.71 3.28
C PHE B 60 -7.62 10.73 3.05
N LEU B 61 -7.10 10.78 1.82
CA LEU B 61 -6.03 11.72 1.48
C LEU B 61 -6.65 12.91 0.77
N VAL B 62 -6.69 14.05 1.47
CA VAL B 62 -7.52 15.19 1.02
C VAL B 62 -6.69 16.42 0.58
N PRO B 63 -7.24 17.23 -0.34
CA PRO B 63 -6.56 18.47 -0.72
C PRO B 63 -6.60 19.50 0.41
N GLN B 64 -5.56 20.33 0.51
CA GLN B 64 -5.49 21.35 1.54
C GLN B 64 -6.74 22.23 1.55
N GLU B 65 -7.29 22.47 0.37
CA GLU B 65 -8.32 23.49 0.19
C GLU B 65 -9.75 22.95 0.36
N LEU B 66 -9.87 21.65 0.55
CA LEU B 66 -11.17 20.99 0.70
C LEU B 66 -11.85 21.40 2.02
N THR B 67 -13.10 21.83 1.94
CA THR B 67 -13.85 22.25 3.13
C THR B 67 -14.33 21.05 3.95
N MET B 68 -14.65 21.28 5.23
CA MET B 68 -15.23 20.21 6.04
C MET B 68 -16.56 19.69 5.46
N THR B 69 -17.30 20.57 4.79
CA THR B 69 -18.60 20.22 4.20
C THR B 69 -18.45 19.26 3.02
N GLN B 70 -17.61 19.65 2.08
CA GLN B 70 -17.28 18.80 0.94
C GLN B 70 -16.72 17.44 1.38
N PHE B 71 -15.92 17.45 2.46
CA PHE B 71 -15.33 16.23 3.01
C PHE B 71 -16.40 15.35 3.66
N LEU B 72 -17.40 16.00 4.23
CA LEU B 72 -18.52 15.26 4.79
C LEU B 72 -19.29 14.58 3.65
N SER B 73 -19.47 15.28 2.53
CA SER B 73 -20.16 14.68 1.40
C SER B 73 -19.39 13.49 0.84
N ILE B 74 -18.06 13.58 0.82
CA ILE B 74 -17.21 12.46 0.42
C ILE B 74 -17.40 11.25 1.34
N ILE B 75 -17.23 11.51 2.63
CA ILE B 75 -17.49 10.47 3.64
C ILE B 75 -18.84 9.81 3.39
N ARG B 76 -19.89 10.62 3.22
CA ARG B 76 -21.22 10.10 2.87
C ARG B 76 -21.19 9.19 1.64
N SER B 77 -20.39 9.57 0.63
CA SER B 77 -20.33 8.79 -0.60
C SER B 77 -19.67 7.43 -0.38
N ARG B 78 -18.87 7.31 0.67
CA ARG B 78 -18.23 6.02 0.99
C ARG B 78 -19.04 5.08 1.90
N MET B 79 -20.28 5.44 2.19
CA MET B 79 -21.14 4.63 3.06
C MET B 79 -21.64 3.36 2.36
N VAL B 80 -21.40 2.22 3.00
CA VAL B 80 -21.70 0.93 2.36
C VAL B 80 -23.20 0.75 2.13
N LEU B 81 -24.02 1.53 2.84
CA LEU B 81 -25.43 1.68 2.50
C LEU B 81 -25.72 3.16 2.25
N ARG B 82 -26.79 3.45 1.51
CA ARG B 82 -27.09 4.82 1.15
C ARG B 82 -27.88 5.53 2.25
N ALA B 83 -27.28 6.55 2.84
CA ALA B 83 -27.96 7.38 3.83
C ALA B 83 -27.88 8.85 3.44
N THR B 84 -29.05 9.48 3.26
CA THR B 84 -29.11 10.89 2.91
C THR B 84 -29.16 11.79 4.15
N GLU B 85 -29.38 11.17 5.30
CA GLU B 85 -29.57 11.92 6.55
C GLU B 85 -28.37 12.78 6.95
N ALA B 86 -28.67 13.93 7.55
CA ALA B 86 -27.64 14.83 8.07
C ALA B 86 -26.92 14.18 9.25
N PHE B 87 -25.64 14.50 9.43
CA PHE B 87 -24.89 13.97 10.57
C PHE B 87 -23.71 14.85 10.93
N TYR B 88 -22.99 14.49 11.98
CA TYR B 88 -21.91 15.33 12.47
C TYR B 88 -20.51 14.75 12.21
N LEU B 89 -19.58 15.65 11.90
CA LEU B 89 -18.17 15.30 11.71
C LEU B 89 -17.38 15.90 12.88
N LEU B 90 -16.88 15.04 13.76
CA LEU B 90 -16.21 15.46 14.99
C LEU B 90 -14.71 15.18 14.98
N VAL B 91 -13.89 16.23 14.91
CA VAL B 91 -12.44 16.04 14.95
C VAL B 91 -12.09 15.45 16.30
N ASN B 92 -11.34 14.34 16.31
CA ASN B 92 -10.93 13.71 17.57
C ASN B 92 -12.12 13.13 18.33
N ASN B 93 -13.31 13.28 17.75
CA ASN B 93 -14.56 12.96 18.42
C ASN B 93 -14.83 13.88 19.62
N LYS B 94 -13.89 14.77 19.92
CA LYS B 94 -14.11 15.80 20.94
C LYS B 94 -14.50 17.18 20.41
N SER B 95 -14.31 17.43 19.12
CA SER B 95 -14.25 18.83 18.64
C SER B 95 -15.26 19.19 17.55
N LEU B 96 -16.20 20.07 17.90
CA LEU B 96 -17.12 20.65 16.92
C LEU B 96 -16.45 21.86 16.26
N VAL B 97 -16.40 21.83 14.94
CA VAL B 97 -15.60 22.79 14.17
C VAL B 97 -16.47 23.49 13.10
N SER B 98 -15.97 24.58 12.54
CA SER B 98 -16.67 25.22 11.44
C SER B 98 -16.59 24.35 10.18
N MET B 99 -17.75 24.03 9.61
CA MET B 99 -17.82 23.27 8.37
C MET B 99 -17.31 24.05 7.15
N SER B 100 -17.07 25.35 7.32
CA SER B 100 -16.44 26.15 6.26
C SER B 100 -14.91 26.04 6.30
N ALA B 101 -14.39 25.39 7.35
CA ALA B 101 -12.96 25.22 7.54
C ALA B 101 -12.33 24.29 6.49
N THR B 102 -11.17 24.68 5.97
CA THR B 102 -10.42 23.84 5.05
C THR B 102 -9.62 22.76 5.78
N MET B 103 -9.30 21.68 5.08
CA MET B 103 -8.47 20.65 5.67
C MET B 103 -7.09 21.17 6.13
N ALA B 104 -6.56 22.20 5.49
CA ALA B 104 -5.30 22.84 5.91
C ALA B 104 -5.37 23.44 7.33
N GLU B 105 -6.54 23.98 7.67
CA GLU B 105 -6.75 24.62 8.96
C GLU B 105 -7.01 23.59 10.03
N ILE B 106 -7.78 22.57 9.69
CA ILE B 106 -8.00 21.45 10.60
C ILE B 106 -6.68 20.77 10.91
N TYR B 107 -5.81 20.64 9.90
CA TYR B 107 -4.51 20.01 10.10
C TYR B 107 -3.61 20.87 10.95
N ARG B 108 -3.63 22.18 10.70
CA ARG B 108 -2.81 23.10 11.50
C ARG B 108 -3.22 23.05 12.98
N ASP B 109 -4.52 23.12 13.25
CA ASP B 109 -5.04 23.20 14.61
C ASP B 109 -5.27 21.88 15.38
N TYR B 110 -5.80 20.87 14.69
CA TYR B 110 -6.19 19.59 15.30
C TYR B 110 -5.31 18.34 15.07
N LYS B 111 -4.24 18.46 14.28
CA LYS B 111 -3.45 17.30 13.85
C LYS B 111 -2.82 16.50 15.00
N ASP B 112 -2.85 15.18 14.88
CA ASP B 112 -2.33 14.30 15.92
C ASP B 112 -0.81 14.27 15.91
N GLU B 113 -0.22 13.93 17.06
CA GLU B 113 1.24 13.87 17.17
C GLU B 113 1.84 12.88 16.16
N ASP B 114 1.03 11.94 15.65
CA ASP B 114 1.53 10.97 14.68
C ASP B 114 1.50 11.48 13.22
N GLY B 115 0.86 12.62 12.99
CA GLY B 115 0.82 13.21 11.65
C GLY B 115 -0.52 13.00 10.96
N PHE B 116 -1.39 12.25 11.62
CA PHE B 116 -2.75 12.06 11.15
C PHE B 116 -3.69 13.10 11.78
N VAL B 117 -4.73 13.48 11.04
CA VAL B 117 -5.90 14.12 11.62
C VAL B 117 -6.98 13.06 11.81
N TYR B 118 -7.60 13.04 12.99
CA TYR B 118 -8.67 12.08 13.26
C TYR B 118 -10.05 12.72 13.24
N MET B 119 -10.99 12.02 12.61
CA MET B 119 -12.39 12.42 12.65
C MET B 119 -13.29 11.22 12.96
N THR B 120 -14.36 11.48 13.69
CA THR B 120 -15.39 10.50 13.98
C THR B 120 -16.66 11.03 13.34
N TYR B 121 -17.42 10.19 12.63
CA TYR B 121 -18.73 10.64 12.15
C TYR B 121 -19.84 10.02 13.00
N ALA B 122 -20.78 10.85 13.47
CA ALA B 122 -21.90 10.36 14.26
C ALA B 122 -23.19 11.10 13.92
N SER B 123 -24.32 10.41 13.94
CA SER B 123 -25.61 11.06 13.74
C SER B 123 -26.08 11.75 15.04
N GLN B 124 -25.64 11.22 16.18
CA GLN B 124 -25.94 11.80 17.50
C GLN B 124 -24.88 11.43 18.53
N GLU B 125 -24.58 12.33 19.46
CA GLU B 125 -23.66 12.00 20.56
C GLU B 125 -23.90 12.82 21.84
N THR B 126 -23.76 12.17 23.00
CA THR B 126 -23.81 12.86 24.29
C THR B 126 -22.45 12.81 25.02
N PHE B 127 -21.76 13.94 25.06
CA PHE B 127 -20.51 14.07 25.80
C PHE B 127 -20.79 14.24 27.29
N GLY B 128 -19.84 13.84 28.14
CA GLY B 128 -20.04 13.89 29.59
C GLY B 128 -19.79 15.27 30.17
#